data_3QSJ
#
_entry.id   3QSJ
#
_cell.length_a   74.844
_cell.length_b   82.152
_cell.length_c   36.614
_cell.angle_alpha   90.00
_cell.angle_beta   90.00
_cell.angle_gamma   90.00
#
_symmetry.space_group_name_H-M   'P 21 21 2'
#
loop_
_entity.id
_entity.type
_entity.pdbx_description
1 polymer 'NUDIX hydrolase'
2 non-polymer 'CALCIUM ION'
3 non-polymer GLYCEROL
4 water water
#
_entity_poly.entity_id   1
_entity_poly.type   'polypeptide(L)'
_entity_poly.pdbx_seq_one_letter_code
;SNA(MSE)TDIRKAATLVVIRDGANKDIEVLVVRRAKT(MSE)RFLPGFVAFPGGAADPSDAE(MSE)AKRAFGRPVCAE
DDDDPALAVTALRETAEEIGWLLAVRDGEGTK(MSE)DTPLAPDEQADLCKGGDALSAWLSARGLAFDLGLLRRIGRFVT
PPTQPVRFDTRFFLCVGQHLGEPRLHGAELDAALWTPARD(MSE)LTRIQSGELPAVRPTIAVLKALVACPNAEIA
(MSE)STLSIGPLPPPAPRA
;
_entity_poly.pdbx_strand_id   A
#
loop_
_chem_comp.id
_chem_comp.type
_chem_comp.name
_chem_comp.formula
CA non-polymer 'CALCIUM ION' 'Ca 2'
GOL non-polymer GLYCEROL 'C3 H8 O3'
#
# COMPACT_ATOMS: atom_id res chain seq x y z
N ALA A 3 18.45 -9.73 -20.55
CA ALA A 3 18.02 -9.48 -21.92
C ALA A 3 16.51 -9.66 -22.10
N MSE A 4 15.86 -10.69 -21.46
CA MSE A 4 14.39 -10.98 -21.55
C MSE A 4 13.81 -10.77 -20.15
O MSE A 4 13.34 -11.70 -19.48
CB MSE A 4 14.09 -12.43 -22.03
CG MSE A 4 14.12 -12.64 -23.58
SE MSE A 4 12.31 -12.80 -24.36
CE MSE A 4 11.65 -14.44 -23.60
N THR A 5 13.85 -9.51 -19.70
CA THR A 5 13.51 -9.12 -18.35
C THR A 5 12.05 -9.53 -17.91
N ASP A 6 11.93 -10.19 -16.75
CA ASP A 6 10.61 -10.50 -16.14
C ASP A 6 9.88 -9.19 -15.88
N ILE A 7 8.56 -9.11 -16.13
CA ILE A 7 7.78 -7.92 -15.75
C ILE A 7 6.95 -8.40 -14.56
N ARG A 8 7.42 -8.06 -13.38
CA ARG A 8 6.86 -8.66 -12.17
C ARG A 8 5.56 -7.98 -11.71
N LYS A 9 4.45 -8.74 -11.63
CA LYS A 9 3.19 -8.18 -11.09
C LYS A 9 3.38 -7.77 -9.61
N ALA A 10 2.94 -6.56 -9.27
CA ALA A 10 3.06 -6.01 -7.91
C ALA A 10 1.90 -5.08 -7.62
N ALA A 11 1.81 -4.66 -6.36
CA ALA A 11 0.76 -3.69 -5.98
C ALA A 11 1.24 -2.91 -4.82
N THR A 12 0.69 -1.71 -4.76
CA THR A 12 1.07 -0.72 -3.75
C THR A 12 -0.18 -0.10 -3.15
N LEU A 13 -0.10 0.20 -1.85
CA LEU A 13 -1.24 0.80 -1.13
C LEU A 13 -0.89 2.18 -0.68
N VAL A 14 -1.77 3.14 -1.03
CA VAL A 14 -1.58 4.55 -0.71
C VAL A 14 -2.59 4.78 0.40
N VAL A 15 -2.12 4.87 1.64
CA VAL A 15 -3.01 5.01 2.81
C VAL A 15 -2.99 6.47 3.20
N ILE A 16 -4.14 7.10 3.17
CA ILE A 16 -4.24 8.54 3.47
C ILE A 16 -5.16 8.95 4.59
N ARG A 17 -4.99 10.18 5.07
CA ARG A 17 -5.93 10.70 6.07
C ARG A 17 -6.00 12.24 5.87
N ASP A 18 -7.03 12.87 6.40
CA ASP A 18 -7.09 14.32 6.41
C ASP A 18 -6.17 14.77 7.54
N GLY A 19 -5.19 15.62 7.23
CA GLY A 19 -4.16 16.03 8.16
C GLY A 19 -4.22 17.47 8.60
N ALA A 20 -3.11 17.91 9.21
CA ALA A 20 -2.93 19.28 9.65
C ALA A 20 -3.01 20.27 8.48
N ASN A 21 -3.54 21.46 8.73
CA ASN A 21 -3.64 22.54 7.73
C ASN A 21 -4.51 22.15 6.55
N LYS A 22 -5.49 21.24 6.78
CA LYS A 22 -6.40 20.75 5.72
C LYS A 22 -5.64 20.18 4.51
N ASP A 23 -4.47 19.56 4.76
CA ASP A 23 -3.70 18.88 3.74
C ASP A 23 -3.83 17.37 3.95
N ILE A 24 -3.83 16.59 2.85
CA ILE A 24 -3.85 15.14 2.99
C ILE A 24 -2.46 14.68 3.47
N GLU A 25 -2.45 13.71 4.39
CA GLU A 25 -1.24 13.05 4.86
C GLU A 25 -1.28 11.63 4.37
N VAL A 26 -0.12 10.99 4.24
CA VAL A 26 -0.01 9.65 3.62
C VAL A 26 1.08 8.85 4.32
N LEU A 27 0.97 7.50 4.35
CA LEU A 27 1.97 6.67 4.97
C LEU A 27 3.05 6.39 3.93
N VAL A 28 4.26 6.72 4.27
N VAL A 28 4.29 6.82 4.25
CA VAL A 28 5.35 6.40 3.37
CA VAL A 28 5.46 6.66 3.37
C VAL A 28 6.36 5.63 4.15
C VAL A 28 6.56 5.89 4.13
N VAL A 29 7.23 4.92 3.43
CA VAL A 29 8.33 4.18 4.04
C VAL A 29 9.63 4.48 3.30
N ARG A 30 10.79 4.25 3.94
CA ARG A 30 12.05 4.42 3.20
C ARG A 30 12.84 3.14 3.29
N ARG A 31 13.30 2.63 2.15
CA ARG A 31 14.19 1.44 2.06
C ARG A 31 15.52 1.73 2.71
N ALA A 32 15.98 0.82 3.58
CA ALA A 32 17.27 0.98 4.26
C ALA A 32 18.45 1.07 3.24
N LYS A 33 19.53 1.77 3.64
CA LYS A 33 20.73 1.94 2.83
C LYS A 33 21.40 0.57 2.59
N THR A 34 21.06 -0.42 3.44
CA THR A 34 21.57 -1.79 3.37
C THR A 34 20.88 -2.69 2.35
N MSE A 35 19.73 -2.26 1.79
N MSE A 35 19.74 -2.26 1.78
CA MSE A 35 19.00 -3.02 0.77
CA MSE A 35 19.03 -3.01 0.75
C MSE A 35 19.79 -2.98 -0.54
C MSE A 35 19.84 -2.99 -0.53
O MSE A 35 20.41 -1.95 -0.84
O MSE A 35 20.50 -1.98 -0.81
CB MSE A 35 17.60 -2.42 0.52
CB MSE A 35 17.66 -2.36 0.47
CG MSE A 35 16.65 -2.55 1.72
CG MSE A 35 16.66 -2.55 1.60
SE MSE A 35 14.76 -2.79 1.25
SE MSE A 35 16.46 -4.44 2.06
CE MSE A 35 14.85 -4.60 0.52
CE MSE A 35 17.69 -4.57 3.67
N ARG A 36 19.77 -4.08 -1.30
CA ARG A 36 20.50 -4.15 -2.59
C ARG A 36 19.75 -3.44 -3.70
N PHE A 37 18.42 -3.41 -3.62
CA PHE A 37 17.61 -2.78 -4.64
C PHE A 37 17.01 -1.46 -4.16
N LEU A 38 17.29 -0.38 -4.90
CA LEU A 38 16.76 0.94 -4.57
C LEU A 38 16.97 1.33 -3.10
N PRO A 39 18.20 1.22 -2.55
CA PRO A 39 18.41 1.70 -1.16
C PRO A 39 18.13 3.19 -1.08
N GLY A 40 17.50 3.59 0.02
CA GLY A 40 17.22 5.00 0.34
C GLY A 40 15.99 5.55 -0.36
N PHE A 41 15.40 4.78 -1.25
CA PHE A 41 14.20 5.28 -1.96
C PHE A 41 12.99 5.39 -1.01
N VAL A 42 12.15 6.45 -1.19
N VAL A 42 12.18 6.43 -1.19
CA VAL A 42 10.89 6.66 -0.45
CA VAL A 42 10.93 6.56 -0.43
C VAL A 42 9.71 6.18 -1.31
C VAL A 42 9.86 5.96 -1.34
N ALA A 43 8.83 5.35 -0.73
CA ALA A 43 7.74 4.75 -1.45
C ALA A 43 6.55 4.50 -0.52
N PHE A 44 5.55 3.90 -1.10
CA PHE A 44 4.41 3.50 -0.29
C PHE A 44 4.58 1.99 -0.05
N PRO A 45 3.91 1.42 0.95
CA PRO A 45 4.01 -0.03 1.17
C PRO A 45 3.52 -0.81 -0.04
N GLY A 46 4.18 -1.91 -0.35
CA GLY A 46 3.78 -2.68 -1.53
C GLY A 46 4.74 -3.79 -1.85
N GLY A 47 4.49 -4.49 -2.92
CA GLY A 47 5.42 -5.55 -3.29
C GLY A 47 4.80 -6.49 -4.28
N ALA A 48 5.54 -7.55 -4.55
CA ALA A 48 5.20 -8.53 -5.58
C ALA A 48 4.02 -9.34 -5.15
N ALA A 49 3.18 -9.68 -6.15
CA ALA A 49 2.06 -10.58 -5.95
C ALA A 49 2.53 -11.95 -5.46
N ASP A 50 1.74 -12.59 -4.58
CA ASP A 50 2.01 -13.95 -4.05
C ASP A 50 0.78 -14.82 -4.42
N PRO A 51 0.94 -16.16 -4.59
CA PRO A 51 -0.23 -17.00 -4.95
C PRO A 51 -1.38 -16.92 -3.97
N SER A 52 -1.11 -16.79 -2.63
CA SER A 52 -2.23 -16.75 -1.67
C SER A 52 -3.08 -15.48 -1.83
N ASP A 53 -2.57 -14.45 -2.58
CA ASP A 53 -3.33 -13.19 -2.73
C ASP A 53 -4.65 -13.43 -3.48
N ALA A 54 -4.61 -14.16 -4.64
CA ALA A 54 -5.84 -14.45 -5.37
C ALA A 54 -6.74 -15.39 -4.55
N GLU A 55 -6.14 -16.25 -3.71
CA GLU A 55 -6.97 -17.18 -2.88
C GLU A 55 -7.78 -16.36 -1.85
N MSE A 56 -7.10 -15.40 -1.18
CA MSE A 56 -7.78 -14.51 -0.22
C MSE A 56 -8.77 -13.60 -0.94
O MSE A 56 -9.83 -13.32 -0.38
CB MSE A 56 -6.74 -13.64 0.51
CG MSE A 56 -5.95 -14.47 1.55
SE MSE A 56 -4.80 -13.28 2.60
CE MSE A 56 -3.23 -13.29 1.29
N ALA A 57 -8.49 -13.21 -2.19
CA ALA A 57 -9.42 -12.35 -2.89
C ALA A 57 -10.78 -13.06 -3.12
N LYS A 58 -10.77 -14.40 -3.34
CA LYS A 58 -11.99 -15.18 -3.60
C LYS A 58 -12.85 -15.30 -2.28
N ARG A 59 -12.27 -15.01 -1.10
CA ARG A 59 -13.01 -15.01 0.18
C ARG A 59 -13.36 -13.58 0.61
N ALA A 60 -12.94 -12.57 -0.18
CA ALA A 60 -13.11 -11.16 0.20
C ALA A 60 -14.57 -10.69 0.08
N PHE A 61 -14.88 -9.56 0.73
CA PHE A 61 -16.17 -8.92 0.56
C PHE A 61 -16.00 -7.84 -0.45
N GLY A 62 -17.01 -7.66 -1.28
CA GLY A 62 -16.95 -6.53 -2.20
C GLY A 62 -15.88 -6.63 -3.28
N ARG A 63 -15.58 -5.46 -3.87
CA ARG A 63 -14.69 -5.30 -5.02
C ARG A 63 -14.12 -3.89 -4.95
N PRO A 64 -12.88 -3.67 -5.42
CA PRO A 64 -12.30 -2.33 -5.39
C PRO A 64 -13.11 -1.32 -6.19
N VAL A 65 -13.16 -0.07 -5.71
CA VAL A 65 -13.83 1.03 -6.42
C VAL A 65 -12.94 1.29 -7.65
N CYS A 66 -13.56 1.44 -8.87
CA CYS A 66 -12.82 1.63 -10.11
C CYS A 66 -11.94 0.42 -10.53
N ALA A 67 -12.29 -0.81 -10.05
CA ALA A 67 -11.70 -2.05 -10.58
C ALA A 67 -12.09 -2.10 -12.05
N GLU A 68 -11.16 -2.51 -12.93
CA GLU A 68 -11.43 -2.60 -14.38
C GLU A 68 -10.97 -3.98 -14.86
N ASP A 69 -10.14 -4.70 -14.09
CA ASP A 69 -9.62 -5.97 -14.59
C ASP A 69 -9.85 -7.13 -13.62
N ASP A 70 -9.86 -8.38 -14.16
CA ASP A 70 -10.14 -9.53 -13.30
C ASP A 70 -9.16 -9.75 -12.20
N ASP A 71 -7.92 -9.24 -12.38
CA ASP A 71 -6.90 -9.38 -11.34
C ASP A 71 -6.86 -8.23 -10.30
N ASP A 72 -7.74 -7.23 -10.41
CA ASP A 72 -7.79 -6.13 -9.44
C ASP A 72 -8.06 -6.62 -8.02
N PRO A 73 -9.00 -7.57 -7.79
CA PRO A 73 -9.23 -8.02 -6.39
C PRO A 73 -7.98 -8.69 -5.84
N ALA A 74 -7.33 -9.58 -6.59
CA ALA A 74 -6.10 -10.22 -6.07
C ALA A 74 -5.03 -9.17 -5.79
N LEU A 75 -4.81 -8.21 -6.71
CA LEU A 75 -3.76 -7.19 -6.51
C LEU A 75 -4.09 -6.25 -5.32
N ALA A 76 -5.38 -6.01 -5.04
CA ALA A 76 -5.81 -5.22 -3.86
C ALA A 76 -5.35 -5.95 -2.63
N VAL A 77 -5.52 -7.26 -2.62
CA VAL A 77 -5.04 -8.12 -1.55
C VAL A 77 -3.52 -8.04 -1.42
N THR A 78 -2.80 -8.11 -2.55
CA THR A 78 -1.32 -8.01 -2.53
C THR A 78 -0.97 -6.73 -1.78
N ALA A 79 -1.61 -5.63 -2.14
CA ALA A 79 -1.32 -4.33 -1.52
C ALA A 79 -1.59 -4.32 0.00
N LEU A 80 -2.72 -4.89 0.40
CA LEU A 80 -3.12 -4.95 1.81
C LEU A 80 -2.16 -5.86 2.58
N ARG A 81 -1.79 -6.98 2.00
CA ARG A 81 -0.87 -7.90 2.68
C ARG A 81 0.52 -7.25 2.92
N GLU A 82 1.07 -6.63 1.87
CA GLU A 82 2.41 -6.01 1.89
C GLU A 82 2.40 -4.87 2.92
N THR A 83 1.27 -4.15 3.02
CA THR A 83 1.13 -3.07 3.99
C THR A 83 1.19 -3.66 5.43
N ALA A 84 0.51 -4.80 5.68
CA ALA A 84 0.49 -5.39 7.02
C ALA A 84 1.90 -5.80 7.37
N GLU A 85 2.61 -6.36 6.39
CA GLU A 85 3.99 -6.80 6.65
C GLU A 85 4.88 -5.64 7.00
N GLU A 86 4.73 -4.51 6.28
CA GLU A 86 5.65 -3.39 6.41
C GLU A 86 5.38 -2.49 7.59
N ILE A 87 4.11 -2.20 7.87
CA ILE A 87 3.79 -1.24 8.94
C ILE A 87 2.93 -1.78 10.08
N GLY A 88 2.61 -3.08 10.05
CA GLY A 88 1.95 -3.72 11.20
C GLY A 88 0.48 -3.44 11.39
N TRP A 89 -0.19 -2.92 10.36
CA TRP A 89 -1.64 -2.69 10.45
C TRP A 89 -2.31 -3.48 9.31
N LEU A 90 -3.40 -4.17 9.63
CA LEU A 90 -4.23 -4.83 8.60
C LEU A 90 -5.36 -3.92 8.38
N LEU A 91 -5.42 -3.38 7.17
N LEU A 91 -5.39 -3.32 7.20
CA LEU A 91 -6.48 -2.46 6.76
CA LEU A 91 -6.48 -2.42 6.85
C LEU A 91 -7.63 -3.20 6.15
C LEU A 91 -7.62 -3.20 6.21
N ALA A 92 -8.82 -2.58 6.25
CA ALA A 92 -10.04 -3.09 5.54
C ALA A 92 -10.38 -4.55 5.86
N VAL A 93 -10.20 -4.95 7.09
CA VAL A 93 -10.58 -6.32 7.51
C VAL A 93 -11.94 -6.26 8.22
N ARG A 94 -12.78 -7.31 7.99
CA ARG A 94 -14.06 -7.39 8.71
C ARG A 94 -14.48 -8.85 8.82
N ASP A 95 -15.53 -9.13 9.60
CA ASP A 95 -16.06 -10.50 9.66
C ASP A 95 -17.39 -10.54 8.87
N GLY A 96 -18.09 -11.69 8.90
CA GLY A 96 -19.34 -11.86 8.18
C GLY A 96 -20.45 -10.94 8.64
N GLU A 97 -20.41 -10.51 9.90
CA GLU A 97 -21.42 -9.59 10.44
C GLU A 97 -21.07 -8.12 10.13
N GLY A 98 -19.95 -7.85 9.45
CA GLY A 98 -19.60 -6.48 9.08
C GLY A 98 -18.82 -5.72 10.13
N THR A 99 -18.44 -6.40 11.21
CA THR A 99 -17.66 -5.77 12.27
C THR A 99 -16.25 -5.56 11.74
N LYS A 100 -15.75 -4.28 11.80
CA LYS A 100 -14.41 -3.92 11.30
C LYS A 100 -13.31 -4.16 12.35
N MSE A 101 -12.17 -4.66 11.91
CA MSE A 101 -11.02 -4.81 12.77
C MSE A 101 -10.40 -3.41 12.83
O MSE A 101 -10.17 -2.81 11.78
CB MSE A 101 -10.01 -5.80 12.16
CG MSE A 101 -8.62 -5.64 12.78
SE MSE A 101 -7.40 -7.01 12.07
CE MSE A 101 -8.23 -8.31 12.98
N ASP A 102 -10.09 -2.90 14.04
CA ASP A 102 -9.51 -1.54 14.16
C ASP A 102 -8.25 -1.50 15.04
N THR A 103 -7.74 -2.68 15.34
CA THR A 103 -6.53 -2.81 16.14
C THR A 103 -5.31 -3.07 15.26
N PRO A 104 -4.12 -2.72 15.75
CA PRO A 104 -2.91 -3.09 15.01
C PRO A 104 -2.58 -4.56 15.29
N LEU A 105 -1.67 -5.09 14.52
CA LEU A 105 -1.15 -6.43 14.79
C LEU A 105 -0.15 -6.28 15.91
N ALA A 106 -0.07 -7.28 16.76
CA ALA A 106 0.93 -7.29 17.82
C ALA A 106 2.30 -7.53 17.11
N PRO A 107 3.42 -7.09 17.70
CA PRO A 107 4.74 -7.36 17.09
C PRO A 107 4.93 -8.79 16.60
N ASP A 108 4.50 -9.80 17.43
CA ASP A 108 4.66 -11.23 17.09
C ASP A 108 3.83 -11.66 15.88
N GLU A 109 2.63 -11.09 15.70
CA GLU A 109 1.78 -11.43 14.55
C GLU A 109 2.39 -10.80 13.34
N GLN A 110 2.89 -9.54 13.47
CA GLN A 110 3.58 -8.91 12.30
C GLN A 110 4.82 -9.73 11.96
N ALA A 111 5.57 -10.17 12.95
CA ALA A 111 6.76 -11.00 12.68
C ALA A 111 6.39 -12.26 11.90
N ASP A 112 5.31 -12.95 12.33
CA ASP A 112 4.77 -14.16 11.68
C ASP A 112 4.31 -13.89 10.25
N LEU A 113 3.71 -12.71 9.99
CA LEU A 113 3.29 -12.36 8.62
C LEU A 113 4.50 -12.14 7.72
N CYS A 114 5.62 -11.66 8.29
CA CYS A 114 6.84 -11.42 7.50
C CYS A 114 7.63 -12.68 7.11
N LYS A 115 7.22 -13.84 7.67
CA LYS A 115 7.78 -15.14 7.30
C LYS A 115 7.27 -15.51 5.89
N GLY A 116 6.30 -14.76 5.40
CA GLY A 116 5.73 -14.95 4.07
C GLY A 116 4.87 -16.20 3.96
N GLY A 117 4.89 -16.81 2.78
CA GLY A 117 4.07 -17.97 2.51
C GLY A 117 2.60 -17.61 2.70
N ASP A 118 1.81 -18.55 3.22
N ASP A 118 1.84 -18.56 3.26
CA ASP A 118 0.38 -18.29 3.43
CA ASP A 118 0.41 -18.39 3.49
C ASP A 118 0.05 -17.80 4.86
C ASP A 118 0.10 -17.94 4.93
N ALA A 119 1.04 -17.24 5.60
CA ALA A 119 0.86 -16.76 6.98
C ALA A 119 -0.37 -15.83 7.15
N LEU A 120 -0.56 -14.87 6.26
CA LEU A 120 -1.72 -13.99 6.38
C LEU A 120 -3.01 -14.72 6.11
N SER A 121 -3.05 -15.50 5.00
CA SER A 121 -4.22 -16.30 4.67
C SER A 121 -4.66 -17.20 5.85
N ALA A 122 -3.68 -17.85 6.49
CA ALA A 122 -3.88 -18.70 7.66
C ALA A 122 -4.40 -17.92 8.85
N TRP A 123 -3.81 -16.73 9.11
CA TRP A 123 -4.24 -15.93 10.26
C TRP A 123 -5.71 -15.51 10.06
N LEU A 124 -6.06 -15.09 8.83
CA LEU A 124 -7.44 -14.67 8.55
C LEU A 124 -8.43 -15.85 8.65
N SER A 125 -8.05 -17.01 8.05
CA SER A 125 -8.93 -18.18 7.94
C SER A 125 -9.17 -18.89 9.28
N ALA A 126 -8.27 -18.70 10.24
CA ALA A 126 -8.49 -19.24 11.61
C ALA A 126 -9.54 -18.37 12.34
N ARG A 127 -9.80 -17.16 11.80
CA ARG A 127 -10.68 -16.19 12.43
C ARG A 127 -12.00 -15.93 11.65
N GLY A 128 -12.10 -16.50 10.45
CA GLY A 128 -13.27 -16.24 9.63
C GLY A 128 -13.34 -14.83 9.10
N LEU A 129 -12.19 -14.16 8.98
CA LEU A 129 -12.10 -12.77 8.52
C LEU A 129 -11.71 -12.64 7.05
N ALA A 130 -11.98 -11.47 6.42
CA ALA A 130 -11.49 -11.26 5.07
C ALA A 130 -11.46 -9.79 4.83
N PHE A 131 -10.87 -9.42 3.69
CA PHE A 131 -10.76 -7.98 3.35
C PHE A 131 -12.05 -7.45 2.75
N ASP A 132 -12.37 -6.19 3.07
CA ASP A 132 -13.51 -5.52 2.41
C ASP A 132 -12.81 -4.70 1.30
N LEU A 133 -12.80 -5.26 0.09
CA LEU A 133 -12.15 -4.58 -1.04
C LEU A 133 -12.87 -3.29 -1.49
N GLY A 134 -14.11 -3.12 -1.04
CA GLY A 134 -14.90 -1.93 -1.32
C GLY A 134 -14.27 -0.67 -0.69
N LEU A 135 -13.39 -0.87 0.28
CA LEU A 135 -12.67 0.23 0.98
C LEU A 135 -11.42 0.68 0.18
N LEU A 136 -11.11 0.01 -0.92
CA LEU A 136 -9.95 0.44 -1.77
C LEU A 136 -10.40 0.95 -3.09
N ARG A 137 -9.70 1.95 -3.61
CA ARG A 137 -9.96 2.49 -4.91
C ARG A 137 -8.75 2.21 -5.80
N ARG A 138 -8.95 1.62 -6.98
CA ARG A 138 -7.87 1.49 -7.95
C ARG A 138 -7.58 2.90 -8.45
N ILE A 139 -6.29 3.35 -8.33
CA ILE A 139 -5.95 4.68 -8.82
C ILE A 139 -4.91 4.69 -9.95
N GLY A 140 -4.32 3.54 -10.23
CA GLY A 140 -3.39 3.54 -11.35
C GLY A 140 -2.77 2.21 -11.65
N ARG A 141 -2.07 2.15 -12.78
CA ARG A 141 -1.30 0.96 -13.11
C ARG A 141 -0.08 1.45 -13.87
N PHE A 142 1.10 1.02 -13.42
CA PHE A 142 2.34 1.51 -14.04
C PHE A 142 3.27 0.38 -14.31
N VAL A 143 3.81 0.35 -15.55
CA VAL A 143 4.77 -0.66 -15.90
C VAL A 143 6.14 0.05 -16.01
N THR A 144 7.15 -0.51 -15.34
CA THR A 144 8.47 0.10 -15.43
C THR A 144 8.86 0.12 -16.92
N PRO A 145 9.40 1.27 -17.41
CA PRO A 145 9.90 1.32 -18.82
C PRO A 145 10.90 0.22 -19.18
N PRO A 146 10.86 -0.28 -20.45
CA PRO A 146 11.74 -1.39 -20.85
C PRO A 146 13.24 -1.13 -20.84
N THR A 147 13.64 0.16 -20.61
CA THR A 147 15.01 0.66 -20.51
C THR A 147 15.60 0.34 -19.13
N GLN A 148 14.78 -0.22 -18.19
CA GLN A 148 15.18 -0.54 -16.82
C GLN A 148 15.51 -2.01 -16.67
N PRO A 149 16.55 -2.36 -15.89
CA PRO A 149 16.94 -3.77 -15.78
C PRO A 149 16.04 -4.62 -14.89
N VAL A 150 15.26 -3.98 -14.01
CA VAL A 150 14.32 -4.65 -13.10
C VAL A 150 12.99 -3.97 -13.37
N ARG A 151 11.93 -4.77 -13.73
CA ARG A 151 10.67 -4.19 -14.12
C ARG A 151 9.50 -4.79 -13.36
N PHE A 152 8.50 -3.94 -13.04
CA PHE A 152 7.29 -4.33 -12.38
C PHE A 152 6.11 -3.84 -13.17
N ASP A 153 4.99 -4.50 -12.96
CA ASP A 153 3.72 -4.01 -13.52
C ASP A 153 2.91 -3.81 -12.27
N THR A 154 2.83 -2.57 -11.78
CA THR A 154 2.32 -2.29 -10.43
C THR A 154 0.96 -1.67 -10.42
N ARG A 155 0.05 -2.24 -9.62
CA ARG A 155 -1.33 -1.77 -9.48
C ARG A 155 -1.35 -0.91 -8.22
N PHE A 156 -1.87 0.32 -8.31
CA PHE A 156 -1.91 1.22 -7.17
C PHE A 156 -3.38 1.34 -6.65
N PHE A 157 -3.54 1.24 -5.34
CA PHE A 157 -4.82 1.34 -4.66
C PHE A 157 -4.70 2.42 -3.62
N LEU A 158 -5.83 3.05 -3.37
CA LEU A 158 -5.93 4.08 -2.35
C LEU A 158 -6.95 3.63 -1.27
N CYS A 159 -6.69 3.96 0.01
N CYS A 159 -6.62 3.88 0.03
CA CYS A 159 -7.66 3.74 1.10
CA CYS A 159 -7.42 3.49 1.21
C CYS A 159 -7.42 4.76 2.16
C CYS A 159 -7.31 4.57 2.31
N VAL A 160 -8.40 4.91 3.03
CA VAL A 160 -8.32 5.94 4.05
C VAL A 160 -7.98 5.27 5.39
N GLY A 161 -7.00 5.84 6.09
CA GLY A 161 -6.60 5.32 7.40
C GLY A 161 -6.71 6.40 8.47
N GLN A 162 -7.87 7.05 8.61
N GLN A 162 -7.87 7.08 8.55
CA GLN A 162 -8.05 8.13 9.59
CA GLN A 162 -8.14 8.21 9.45
C GLN A 162 -7.97 7.60 11.03
C GLN A 162 -7.97 7.92 10.94
N HIS A 163 -8.23 6.29 11.17
N HIS A 163 -8.15 6.64 11.34
CA HIS A 163 -8.33 5.54 12.44
CA HIS A 163 -8.08 6.21 12.74
C HIS A 163 -6.99 4.98 12.94
C HIS A 163 -6.92 5.24 13.02
N LEU A 164 -6.05 4.75 12.02
N LEU A 164 -5.95 5.17 12.11
CA LEU A 164 -4.74 4.17 12.31
CA LEU A 164 -4.78 4.33 12.29
C LEU A 164 -3.89 5.01 13.22
C LEU A 164 -3.83 5.07 13.21
N GLY A 165 -3.11 4.33 14.03
CA GLY A 165 -2.09 4.95 14.86
C GLY A 165 -0.83 5.02 14.02
N GLU A 166 0.30 4.87 14.69
CA GLU A 166 1.61 4.97 14.02
C GLU A 166 2.03 3.66 13.32
N PRO A 167 2.75 3.79 12.17
CA PRO A 167 3.27 2.55 11.50
C PRO A 167 4.35 1.95 12.40
N ARG A 168 4.51 0.64 12.35
CA ARG A 168 5.50 -0.05 13.17
C ARG A 168 6.27 -0.94 12.23
N LEU A 169 7.59 -0.83 12.28
CA LEU A 169 8.46 -1.62 11.44
C LEU A 169 8.76 -2.97 12.06
N HIS A 170 9.08 -3.94 11.20
CA HIS A 170 9.57 -5.27 11.56
C HIS A 170 10.82 -5.47 10.74
N GLY A 171 11.90 -5.93 11.36
CA GLY A 171 13.09 -6.21 10.58
C GLY A 171 13.83 -4.96 10.10
N ALA A 172 14.79 -5.19 9.20
CA ALA A 172 15.75 -4.18 8.71
C ALA A 172 15.55 -3.64 7.30
N GLU A 173 14.55 -4.15 6.55
CA GLU A 173 14.34 -3.70 5.17
C GLU A 173 14.03 -2.24 5.00
N LEU A 174 13.23 -1.69 5.94
CA LEU A 174 12.85 -0.26 5.89
C LEU A 174 13.53 0.43 7.06
N ASP A 175 14.03 1.64 6.89
CA ASP A 175 14.62 2.27 8.07
C ASP A 175 13.72 3.36 8.64
N ALA A 176 12.60 3.63 7.97
CA ALA A 176 11.69 4.66 8.46
C ALA A 176 10.30 4.44 7.89
N ALA A 177 9.31 4.93 8.63
CA ALA A 177 7.90 4.85 8.21
C ALA A 177 7.18 5.90 8.98
N LEU A 178 6.41 6.74 8.28
CA LEU A 178 5.71 7.80 8.94
C LEU A 178 4.53 8.35 8.17
N TRP A 179 3.68 9.09 8.90
CA TRP A 179 2.58 9.82 8.28
C TRP A 179 3.15 11.18 7.87
N THR A 180 3.15 11.45 6.57
CA THR A 180 3.69 12.75 6.15
C THR A 180 2.70 13.54 5.31
N PRO A 181 2.62 14.86 5.44
CA PRO A 181 1.80 15.63 4.49
C PRO A 181 2.40 15.33 3.09
N ALA A 182 1.55 15.09 2.08
CA ALA A 182 2.01 14.75 0.70
C ALA A 182 2.84 15.90 0.08
N ARG A 183 2.48 17.16 0.38
CA ARG A 183 3.23 18.36 -0.08
C ARG A 183 4.71 18.36 0.38
N ASP A 184 4.93 18.08 1.69
CA ASP A 184 6.25 18.01 2.36
C ASP A 184 7.14 17.03 1.61
N MSE A 185 6.64 15.79 1.43
CA MSE A 185 7.36 14.71 0.79
C MSE A 185 7.66 15.01 -0.67
O MSE A 185 8.79 14.82 -1.13
CB MSE A 185 6.56 13.41 0.90
CG MSE A 185 7.36 12.22 0.50
SE MSE A 185 9.12 12.18 1.34
CE MSE A 185 8.64 11.76 3.04
N LEU A 186 6.69 15.55 -1.37
CA LEU A 186 6.86 15.95 -2.78
C LEU A 186 8.02 16.92 -2.94
N THR A 187 8.06 17.99 -2.11
CA THR A 187 9.08 19.02 -2.17
C THR A 187 10.45 18.41 -1.93
N ARG A 188 10.52 17.44 -0.99
CA ARG A 188 11.77 16.75 -0.66
C ARG A 188 12.29 15.91 -1.80
N ILE A 189 11.38 15.33 -2.60
CA ILE A 189 11.78 14.55 -3.79
C ILE A 189 12.19 15.50 -4.90
N GLN A 190 11.33 16.48 -5.22
CA GLN A 190 11.59 17.46 -6.29
C GLN A 190 12.92 18.18 -6.11
N SER A 191 13.31 18.41 -4.84
CA SER A 191 14.54 19.10 -4.48
C SER A 191 15.78 18.21 -4.60
N GLY A 192 15.58 16.90 -4.66
CA GLY A 192 16.67 15.94 -4.80
C GLY A 192 17.21 15.36 -3.50
N GLU A 193 16.57 15.71 -2.36
CA GLU A 193 16.91 15.26 -1.01
C GLU A 193 16.70 13.74 -0.88
N LEU A 194 15.59 13.23 -1.43
CA LEU A 194 15.21 11.80 -1.36
C LEU A 194 14.82 11.22 -2.74
N PRO A 195 15.27 9.99 -3.09
CA PRO A 195 14.90 9.45 -4.39
C PRO A 195 13.53 8.77 -4.33
N ALA A 196 12.81 8.79 -5.46
CA ALA A 196 11.52 8.09 -5.58
C ALA A 196 11.26 7.71 -7.04
N VAL A 197 10.53 6.62 -7.30
CA VAL A 197 10.17 6.24 -8.67
C VAL A 197 9.07 7.17 -9.20
N ARG A 198 8.98 7.36 -10.53
CA ARG A 198 7.99 8.25 -11.14
C ARG A 198 6.54 8.08 -10.64
N PRO A 199 6.00 6.83 -10.54
CA PRO A 199 4.63 6.67 -10.02
C PRO A 199 4.42 7.25 -8.61
N THR A 200 5.46 7.15 -7.75
CA THR A 200 5.39 7.73 -6.39
C THR A 200 5.16 9.23 -6.43
N ILE A 201 5.94 9.92 -7.26
CA ILE A 201 5.84 11.36 -7.42
C ILE A 201 4.42 11.71 -7.94
N ALA A 202 3.96 10.98 -8.96
CA ALA A 202 2.68 11.27 -9.60
C ALA A 202 1.52 11.05 -8.59
N VAL A 203 1.64 10.09 -7.65
CA VAL A 203 0.61 9.95 -6.61
C VAL A 203 0.65 11.15 -5.66
N LEU A 204 1.85 11.55 -5.22
CA LEU A 204 1.98 12.71 -4.31
C LEU A 204 1.42 13.98 -4.91
N LYS A 205 1.69 14.24 -6.20
CA LYS A 205 1.14 15.43 -6.88
C LYS A 205 -0.40 15.35 -6.92
N ALA A 206 -0.96 14.12 -7.15
CA ALA A 206 -2.43 13.92 -7.22
C ALA A 206 -3.02 14.24 -5.87
N LEU A 207 -2.40 13.74 -4.80
CA LEU A 207 -2.85 14.02 -3.42
C LEU A 207 -2.77 15.52 -3.07
N VAL A 208 -1.70 16.21 -3.51
CA VAL A 208 -1.57 17.66 -3.23
C VAL A 208 -2.69 18.46 -3.90
N ALA A 209 -3.11 18.07 -5.11
CA ALA A 209 -4.17 18.76 -5.87
C ALA A 209 -5.55 18.50 -5.28
N CYS A 210 -5.66 17.46 -4.47
CA CYS A 210 -6.90 17.03 -3.89
C CYS A 210 -7.27 17.73 -2.57
N PRO A 211 -8.50 18.28 -2.42
CA PRO A 211 -8.84 18.99 -1.16
C PRO A 211 -8.88 18.14 0.09
N ASN A 212 -9.40 16.89 0.02
CA ASN A 212 -9.55 16.05 1.21
C ASN A 212 -9.63 14.59 0.82
N ALA A 213 -9.57 13.71 1.84
CA ALA A 213 -9.57 12.26 1.64
C ALA A 213 -10.91 11.77 0.98
N GLU A 214 -12.08 12.35 1.36
CA GLU A 214 -13.34 11.92 0.71
C GLU A 214 -13.31 12.22 -0.79
N ILE A 215 -12.83 13.43 -1.18
CA ILE A 215 -12.74 13.75 -2.63
C ILE A 215 -11.75 12.81 -3.30
N ALA A 216 -10.61 12.47 -2.61
CA ALA A 216 -9.66 11.56 -3.21
C ALA A 216 -10.30 10.17 -3.46
N MSE A 217 -11.08 9.65 -2.49
CA MSE A 217 -11.67 8.32 -2.62
C MSE A 217 -12.75 8.33 -3.73
O MSE A 217 -13.10 7.25 -4.20
CB MSE A 217 -12.28 7.85 -1.28
CG MSE A 217 -11.22 7.45 -0.27
SE MSE A 217 -10.13 5.91 -0.97
CE MSE A 217 -11.45 4.61 -1.11
N SER A 218 -13.23 9.54 -4.18
CA SER A 218 -14.19 9.66 -5.24
C SER A 218 -13.60 9.95 -6.61
N THR A 219 -12.34 10.45 -6.72
CA THR A 219 -11.87 11.00 -7.97
C THR A 219 -10.43 10.66 -8.29
N LEU A 220 -9.62 10.27 -7.28
CA LEU A 220 -8.21 10.09 -7.60
C LEU A 220 -7.92 9.14 -8.72
N SER A 221 -7.03 9.57 -9.59
CA SER A 221 -6.60 8.74 -10.70
C SER A 221 -5.29 9.25 -11.21
N ILE A 222 -4.32 8.35 -11.35
N ILE A 222 -4.31 8.36 -11.33
CA ILE A 222 -3.02 8.72 -11.90
CA ILE A 222 -3.05 8.77 -11.94
C ILE A 222 -3.00 8.24 -13.37
C ILE A 222 -3.05 8.27 -13.38
N GLY A 223 -2.92 9.20 -14.30
CA GLY A 223 -2.85 8.92 -15.73
C GLY A 223 -1.38 8.96 -16.09
N PRO A 224 -0.87 8.12 -17.04
CA PRO A 224 0.59 8.11 -17.31
C PRO A 224 1.19 9.41 -17.81
CA CA B . 6.99 -4.95 0.58
C1 GOL C . 15.20 -6.45 -7.33
O1 GOL C . 16.36 -7.17 -6.96
C2 GOL C . 13.96 -7.27 -6.97
O2 GOL C . 13.63 -8.09 -8.06
C3 GOL C . 12.79 -6.32 -6.74
O3 GOL C . 12.53 -6.18 -5.36
C1 GOL D . 11.09 -3.72 2.11
O1 GOL D . 11.54 -5.03 1.82
C2 GOL D . 9.63 -3.51 1.73
O2 GOL D . 8.91 -4.66 2.03
C3 GOL D . 9.53 -3.29 0.23
O3 GOL D . 8.19 -3.36 -0.23
C1 GOL E . 9.96 6.00 11.80
O1 GOL E . 10.85 6.64 10.95
C2 GOL E . 10.48 4.63 12.20
O2 GOL E . 11.78 4.70 12.75
C3 GOL E . 9.49 4.05 13.22
O3 GOL E . 8.22 3.88 12.59
#